data_7DT8
#
_entry.id   7DT8
#
_cell.length_a   42.942
_cell.length_b   85.839
_cell.length_c   63.282
_cell.angle_alpha   90.00
_cell.angle_beta   90.00
_cell.angle_gamma   90.00
#
_symmetry.space_group_name_H-M   'P 21 21 2'
#
loop_
_entity.id
_entity.type
_entity.pdbx_description
1 polymer Transthyretin
2 non-polymer 'CALCIUM ION'
3 non-polymer '4-chloranyl-9-oxidanylidene-xanthene-2-carboxylic acid'
4 water water
#
_entity_poly.entity_id   1
_entity_poly.type   'polypeptide(L)'
_entity_poly.pdbx_seq_one_letter_code
;MRGSHHHHHHGSMASHRLLLLCLAGLVFVSEAGPTGTGESKCPLMVKVLDAVRGSPAINVAMHVFRKAADDTWEPFASGK
TSESGELHGLTTEEEFVEGIYKVEIDTKSYWKALGISPFHEHAEVVFTANDSGPRRYTIAALLSPYSYSTTAVVTNPKE
;
_entity_poly.pdbx_strand_id   A,B
#
loop_
_chem_comp.id
_chem_comp.type
_chem_comp.name
_chem_comp.formula
CA non-polymer 'CALCIUM ION' 'Ca 2'
HH9 non-polymer '4-chloranyl-9-oxidanylidene-xanthene-2-carboxylic acid' 'C14 H7 Cl O4'
#
# COMPACT_ATOMS: atom_id res chain seq x y z
N CYS A 42 -23.28 4.69 4.75
CA CYS A 42 -21.92 4.18 4.89
C CYS A 42 -21.31 3.88 3.52
N PRO A 43 -20.84 4.92 2.82
CA PRO A 43 -20.22 4.70 1.51
C PRO A 43 -18.77 4.22 1.58
N LEU A 44 -18.16 4.18 2.77
CA LEU A 44 -16.79 3.70 2.91
C LEU A 44 -16.71 2.86 4.17
N MET A 45 -16.29 1.61 4.03
CA MET A 45 -16.09 0.71 5.16
C MET A 45 -14.74 0.03 4.96
N VAL A 46 -14.01 -0.17 6.06
CA VAL A 46 -12.71 -0.84 6.01
C VAL A 46 -12.75 -2.04 6.94
N LYS A 47 -12.28 -3.18 6.46
CA LYS A 47 -12.23 -4.42 7.21
C LYS A 47 -10.80 -4.91 7.23
N VAL A 48 -10.32 -5.33 8.40
CA VAL A 48 -8.94 -5.76 8.57
C VAL A 48 -8.92 -7.15 9.19
N LEU A 49 -8.13 -8.05 8.63
CA LEU A 49 -8.05 -9.44 9.06
C LEU A 49 -6.60 -9.81 9.37
N ASP A 50 -6.43 -10.69 10.34
CA ASP A 50 -5.12 -11.15 10.81
C ASP A 50 -4.90 -12.58 10.31
N ALA A 51 -3.96 -12.73 9.38
CA ALA A 51 -3.67 -14.01 8.74
C ALA A 51 -2.78 -14.92 9.58
N VAL A 52 -2.25 -14.43 10.71
CA VAL A 52 -1.48 -15.28 11.62
C VAL A 52 -2.42 -16.01 12.56
N ARG A 53 -3.40 -15.30 13.10
CA ARG A 53 -4.30 -15.85 14.10
C ARG A 53 -5.62 -16.34 13.51
N GLY A 54 -5.94 -15.97 12.27
CA GLY A 54 -7.22 -16.34 11.70
C GLY A 54 -8.38 -15.64 12.38
N SER A 55 -8.27 -14.33 12.50
CA SER A 55 -9.23 -13.58 13.30
C SER A 55 -9.40 -12.21 12.68
N PRO A 56 -10.47 -11.50 13.03
CA PRO A 56 -10.48 -10.05 12.76
C PRO A 56 -9.30 -9.40 13.46
N ALA A 57 -8.80 -8.33 12.85
CA ALA A 57 -7.76 -7.51 13.47
C ALA A 57 -8.49 -6.39 14.20
N ILE A 58 -8.49 -6.46 15.53
CA ILE A 58 -9.30 -5.58 16.37
C ILE A 58 -8.45 -4.40 16.83
N ASN A 59 -9.09 -3.24 16.96
CA ASN A 59 -8.44 -2.05 17.51
C ASN A 59 -7.31 -1.55 16.62
N VAL A 60 -7.45 -1.73 15.31
CA VAL A 60 -6.46 -1.23 14.36
C VAL A 60 -6.84 0.20 13.99
N ALA A 61 -5.91 1.13 14.21
CA ALA A 61 -6.16 2.53 13.90
C ALA A 61 -5.91 2.79 12.41
N MET A 62 -6.68 3.73 11.85
CA MET A 62 -6.42 4.17 10.49
C MET A 62 -6.85 5.61 10.32
N HIS A 63 -6.18 6.30 9.40
CA HIS A 63 -6.50 7.67 9.03
C HIS A 63 -6.78 7.73 7.54
N VAL A 64 -7.82 8.46 7.17
CA VAL A 64 -8.19 8.68 5.78
C VAL A 64 -7.86 10.13 5.45
N PHE A 65 -7.25 10.34 4.28
CA PHE A 65 -6.89 11.64 3.78
C PHE A 65 -7.50 11.82 2.40
N ARG A 66 -7.68 13.08 2.00
CA ARG A 66 -8.19 13.42 0.68
C ARG A 66 -7.24 14.43 0.06
N LYS A 67 -6.90 14.21 -1.21
CA LYS A 67 -5.96 15.11 -1.87
C LYS A 67 -6.61 16.45 -2.15
N ALA A 68 -5.98 17.53 -1.69
CA ALA A 68 -6.49 18.88 -1.90
C ALA A 68 -6.04 19.41 -3.25
N ALA A 69 -6.61 20.57 -3.61
CA ALA A 69 -6.30 21.19 -4.90
C ALA A 69 -4.82 21.54 -5.04
N ASP A 70 -4.13 21.75 -3.92
CA ASP A 70 -2.70 22.04 -3.96
C ASP A 70 -1.82 20.80 -3.86
N ASP A 71 -2.40 19.61 -4.05
CA ASP A 71 -1.73 18.32 -4.05
C ASP A 71 -1.30 17.83 -2.67
N THR A 72 -1.70 18.49 -1.61
CA THR A 72 -1.40 18.02 -0.26
C THR A 72 -2.51 17.09 0.22
N TRP A 73 -2.17 16.27 1.21
CA TRP A 73 -3.11 15.32 1.80
C TRP A 73 -3.80 15.99 2.98
N GLU A 74 -5.10 16.22 2.85
CA GLU A 74 -5.85 16.83 3.94
C GLU A 74 -6.54 15.76 4.78
N PRO A 75 -6.58 15.92 6.10
CA PRO A 75 -7.29 14.93 6.91
C PRO A 75 -8.77 14.86 6.54
N PHE A 76 -9.29 13.65 6.46
CA PHE A 76 -10.68 13.43 6.05
C PHE A 76 -11.48 12.72 7.13
N ALA A 77 -10.98 11.63 7.70
CA ALA A 77 -11.67 10.89 8.75
C ALA A 77 -10.67 9.93 9.37
N SER A 78 -11.00 9.39 10.54
CA SER A 78 -10.15 8.39 11.16
C SER A 78 -10.97 7.57 12.15
N GLY A 79 -10.42 6.43 12.56
CA GLY A 79 -11.11 5.58 13.51
C GLY A 79 -10.32 4.32 13.77
N LYS A 80 -10.92 3.39 14.52
CA LYS A 80 -10.29 2.12 14.82
C LYS A 80 -11.27 0.99 14.55
N THR A 81 -10.74 -0.17 14.15
CA THR A 81 -11.61 -1.31 13.89
C THR A 81 -12.23 -1.83 15.18
N SER A 82 -13.44 -2.37 15.04
CA SER A 82 -14.22 -2.94 16.13
C SER A 82 -13.77 -4.38 16.39
N GLU A 83 -14.50 -5.05 17.29
CA GLU A 83 -14.25 -6.45 17.56
C GLU A 83 -14.49 -7.34 16.34
N SER A 84 -15.23 -6.85 15.35
CA SER A 84 -15.42 -7.58 14.10
C SER A 84 -14.32 -7.29 13.08
N GLY A 85 -13.34 -6.47 13.43
CA GLY A 85 -12.34 -6.05 12.47
C GLY A 85 -12.80 -5.01 11.48
N GLU A 86 -13.98 -4.41 11.69
CA GLU A 86 -14.54 -3.48 10.73
C GLU A 86 -14.60 -2.08 11.32
N LEU A 87 -14.45 -1.09 10.45
CA LEU A 87 -14.62 0.31 10.81
C LEU A 87 -15.71 0.88 9.91
N HIS A 88 -16.86 1.19 10.52
CA HIS A 88 -18.02 1.75 9.86
C HIS A 88 -18.15 3.22 10.25
N GLY A 89 -18.94 3.95 9.46
CA GLY A 89 -19.31 5.30 9.84
C GLY A 89 -18.26 6.36 9.62
N LEU A 90 -17.24 6.08 8.79
CA LEU A 90 -16.18 7.06 8.57
C LEU A 90 -16.70 8.34 7.94
N THR A 91 -17.68 8.24 7.04
CA THR A 91 -18.13 9.40 6.28
C THR A 91 -19.60 9.24 5.90
N THR A 92 -20.10 10.21 5.15
CA THR A 92 -21.47 10.24 4.67
C THR A 92 -21.46 10.46 3.16
N GLU A 93 -22.60 10.19 2.53
CA GLU A 93 -22.70 10.37 1.08
C GLU A 93 -22.44 11.81 0.69
N GLU A 94 -22.91 12.77 1.51
CA GLU A 94 -22.72 14.19 1.17
C GLU A 94 -21.26 14.59 1.28
N GLU A 95 -20.55 14.10 2.29
CA GLU A 95 -19.18 14.51 2.54
C GLU A 95 -18.20 13.81 1.61
N PHE A 96 -18.53 12.61 1.16
CA PHE A 96 -17.61 11.75 0.42
C PHE A 96 -17.72 12.08 -1.07
N VAL A 97 -17.19 13.26 -1.41
CA VAL A 97 -17.22 13.77 -2.78
C VAL A 97 -16.18 13.06 -3.64
N GLU A 98 -16.25 13.29 -4.96
CA GLU A 98 -15.19 12.84 -5.85
C GLU A 98 -13.84 13.31 -5.33
N GLY A 99 -12.83 12.48 -5.52
CA GLY A 99 -11.49 12.89 -5.18
C GLY A 99 -10.57 11.69 -5.11
N ILE A 100 -9.32 11.97 -4.79
CA ILE A 100 -8.34 10.93 -4.52
C ILE A 100 -8.19 10.81 -3.02
N TYR A 101 -8.38 9.58 -2.51
CA TYR A 101 -8.37 9.32 -1.08
C TYR A 101 -7.23 8.36 -0.75
N LYS A 102 -6.70 8.50 0.45
CA LYS A 102 -5.66 7.62 0.97
C LYS A 102 -6.12 7.10 2.32
N VAL A 103 -6.11 5.78 2.48
CA VAL A 103 -6.35 5.15 3.78
C VAL A 103 -5.00 4.62 4.27
N GLU A 104 -4.53 5.14 5.41
CA GLU A 104 -3.30 4.68 6.04
C GLU A 104 -3.69 3.85 7.26
N ILE A 105 -3.44 2.54 7.20
CA ILE A 105 -3.82 1.61 8.26
C ILE A 105 -2.57 1.35 9.10
N ASP A 106 -2.67 1.61 10.41
CA ASP A 106 -1.49 1.49 11.29
C ASP A 106 -1.25 0.02 11.65
N THR A 107 -0.70 -0.72 10.68
CA THR A 107 -0.45 -2.14 10.91
C THR A 107 0.74 -2.36 11.83
N LYS A 108 1.71 -1.44 11.82
CA LYS A 108 2.89 -1.64 12.66
C LYS A 108 2.53 -1.71 14.15
N SER A 109 1.68 -0.81 14.62
CA SER A 109 1.30 -0.83 16.03
C SER A 109 0.52 -2.09 16.39
N TYR A 110 -0.31 -2.56 15.45
CA TYR A 110 -1.05 -3.80 15.66
C TYR A 110 -0.09 -4.97 15.92
N TRP A 111 0.90 -5.15 15.04
CA TRP A 111 1.81 -6.28 15.20
C TRP A 111 2.68 -6.11 16.45
N LYS A 112 3.16 -4.89 16.69
CA LYS A 112 4.04 -4.68 17.83
C LYS A 112 3.35 -5.05 19.14
N ALA A 113 2.05 -4.74 19.27
CA ALA A 113 1.33 -5.08 20.48
C ALA A 113 1.18 -6.59 20.65
N LEU A 114 1.30 -7.37 19.58
CA LEU A 114 1.28 -8.82 19.66
C LEU A 114 2.67 -9.43 19.77
N GLY A 115 3.70 -8.61 19.92
CA GLY A 115 5.05 -9.09 20.08
C GLY A 115 5.80 -9.35 18.79
N ILE A 116 5.30 -8.85 17.66
CA ILE A 116 5.87 -9.09 16.36
C ILE A 116 6.42 -7.78 15.80
N SER A 117 7.62 -7.83 15.25
CA SER A 117 8.22 -6.68 14.59
C SER A 117 8.00 -6.84 13.09
N PRO A 118 7.05 -6.12 12.50
CA PRO A 118 6.66 -6.39 11.11
C PRO A 118 7.51 -5.58 10.14
N PHE A 119 7.31 -5.89 8.85
CA PHE A 119 8.09 -5.21 7.82
C PHE A 119 7.56 -3.81 7.52
N HIS A 120 6.26 -3.68 7.32
CA HIS A 120 5.70 -2.43 6.82
C HIS A 120 5.43 -1.45 7.95
N GLU A 121 5.56 -0.16 7.63
CA GLU A 121 5.18 0.88 8.58
C GLU A 121 3.67 0.97 8.70
N HIS A 122 2.98 0.87 7.57
CA HIS A 122 1.54 0.95 7.53
C HIS A 122 1.14 0.35 6.21
N ALA A 123 -0.14 -0.01 6.09
CA ALA A 123 -0.70 -0.40 4.82
C ALA A 123 -1.40 0.82 4.25
N GLU A 124 -1.13 1.14 2.99
CA GLU A 124 -1.62 2.34 2.35
C GLU A 124 -2.52 1.94 1.20
N VAL A 125 -3.69 2.58 1.09
CA VAL A 125 -4.63 2.32 0.01
C VAL A 125 -4.98 3.68 -0.60
N VAL A 126 -4.61 3.91 -1.85
CA VAL A 126 -4.83 5.19 -2.52
C VAL A 126 -5.70 4.95 -3.75
N PHE A 127 -6.79 5.71 -3.87
CA PHE A 127 -7.77 5.42 -4.90
C PHE A 127 -8.58 6.67 -5.24
N THR A 128 -9.02 6.76 -6.49
CA THR A 128 -10.01 7.75 -6.88
C THR A 128 -11.41 7.24 -6.57
N ALA A 129 -12.21 8.05 -5.89
CA ALA A 129 -13.57 7.68 -5.51
C ALA A 129 -14.60 8.52 -6.24
N ASN A 130 -15.71 7.87 -6.61
CA ASN A 130 -16.92 8.54 -7.08
C ASN A 130 -16.74 9.26 -8.41
N ASP A 131 -15.77 8.83 -9.23
CA ASP A 131 -15.50 9.52 -10.49
C ASP A 131 -16.66 9.41 -11.48
N SER A 132 -17.45 8.33 -11.38
CA SER A 132 -18.62 8.13 -12.24
C SER A 132 -19.91 8.20 -11.44
N GLY A 133 -19.93 8.99 -10.37
CA GLY A 133 -21.07 9.05 -9.49
C GLY A 133 -20.83 8.27 -8.22
N PRO A 134 -21.75 8.40 -7.26
CA PRO A 134 -21.52 7.78 -5.95
C PRO A 134 -21.44 6.27 -6.04
N ARG A 135 -20.49 5.71 -5.30
CA ARG A 135 -20.38 4.27 -5.12
C ARG A 135 -20.18 3.98 -3.64
N ARG A 136 -20.39 2.72 -3.27
CA ARG A 136 -20.06 2.24 -1.94
C ARG A 136 -18.79 1.40 -2.02
N TYR A 137 -17.86 1.66 -1.10
CA TYR A 137 -16.54 1.06 -1.13
C TYR A 137 -16.33 0.26 0.14
N THR A 138 -15.99 -1.01 0.00
CA THR A 138 -15.48 -1.81 1.10
C THR A 138 -14.03 -2.15 0.78
N ILE A 139 -13.13 -1.74 1.65
CA ILE A 139 -11.70 -2.02 1.52
C ILE A 139 -11.34 -3.05 2.57
N ALA A 140 -10.76 -4.15 2.13
CA ALA A 140 -10.31 -5.20 3.04
C ALA A 140 -8.80 -5.29 3.00
N ALA A 141 -8.18 -5.37 4.17
CA ALA A 141 -6.74 -5.54 4.31
C ALA A 141 -6.50 -6.83 5.06
N LEU A 142 -5.74 -7.74 4.44
CA LEU A 142 -5.37 -9.01 5.03
C LEU A 142 -3.91 -8.93 5.44
N LEU A 143 -3.63 -9.07 6.74
CA LEU A 143 -2.32 -8.73 7.29
C LEU A 143 -1.51 -9.95 7.72
N SER A 144 -0.24 -9.97 7.33
CA SER A 144 0.79 -10.83 7.89
C SER A 144 1.99 -9.97 8.21
N PRO A 145 2.92 -10.46 9.03
CA PRO A 145 4.04 -9.59 9.44
C PRO A 145 4.88 -9.06 8.29
N TYR A 146 5.10 -9.85 7.23
CA TYR A 146 5.93 -9.44 6.10
C TYR A 146 5.13 -9.36 4.79
N SER A 147 3.81 -9.34 4.85
CA SER A 147 3.00 -9.28 3.64
C SER A 147 1.63 -8.76 3.99
N TYR A 148 1.04 -7.99 3.07
CA TYR A 148 -0.39 -7.71 3.19
C TYR A 148 -1.01 -7.61 1.80
N SER A 149 -2.32 -7.79 1.76
CA SER A 149 -3.07 -7.52 0.55
C SER A 149 -4.17 -6.54 0.86
N THR A 150 -4.52 -5.74 -0.13
CA THR A 150 -5.68 -4.86 -0.01
CA THR A 150 -5.66 -4.83 -0.02
C THR A 150 -6.56 -5.02 -1.23
N THR A 151 -7.85 -5.14 -0.99
CA THR A 151 -8.84 -5.46 -2.01
C THR A 151 -9.99 -4.49 -1.83
N ALA A 152 -10.61 -4.09 -2.93
CA ALA A 152 -11.80 -3.26 -2.87
C ALA A 152 -12.97 -3.96 -3.52
N VAL A 153 -14.12 -3.92 -2.85
CA VAL A 153 -15.40 -4.28 -3.44
C VAL A 153 -16.18 -2.99 -3.59
N VAL A 154 -16.56 -2.68 -4.82
CA VAL A 154 -17.20 -1.41 -5.16
C VAL A 154 -18.57 -1.72 -5.71
N THR A 155 -19.61 -1.14 -5.11
CA THR A 155 -20.97 -1.42 -5.51
C THR A 155 -21.71 -0.12 -5.82
N ASN A 156 -22.70 -0.23 -6.68
CA ASN A 156 -23.49 0.93 -7.08
C ASN A 156 -24.81 0.93 -6.34
N CYS B 42 23.45 -4.91 -4.77
CA CYS B 42 22.31 -4.02 -4.50
C CYS B 42 21.38 -4.64 -3.46
N PRO B 43 21.10 -3.87 -2.40
CA PRO B 43 20.33 -4.39 -1.27
C PRO B 43 18.81 -4.31 -1.43
N LEU B 44 18.30 -3.79 -2.54
CA LEU B 44 16.86 -3.62 -2.71
C LEU B 44 16.50 -3.97 -4.15
N MET B 45 15.60 -4.95 -4.33
CA MET B 45 15.08 -5.32 -5.64
C MET B 45 13.57 -5.37 -5.54
N VAL B 46 12.88 -4.97 -6.61
CA VAL B 46 11.42 -4.99 -6.65
C VAL B 46 10.98 -5.86 -7.83
N LYS B 47 10.02 -6.76 -7.58
CA LYS B 47 9.48 -7.66 -8.57
C LYS B 47 7.98 -7.47 -8.63
N VAL B 48 7.42 -7.38 -9.83
CA VAL B 48 6.01 -7.11 -10.02
C VAL B 48 5.41 -8.17 -10.93
N LEU B 49 4.29 -8.74 -10.50
CA LEU B 49 3.63 -9.83 -11.22
C LEU B 49 2.19 -9.43 -11.53
N ASP B 50 1.69 -9.96 -12.65
CA ASP B 50 0.34 -9.67 -13.15
C ASP B 50 -0.51 -10.93 -12.97
N ALA B 51 -1.49 -10.85 -12.08
CA ALA B 51 -2.36 -11.97 -11.73
C ALA B 51 -3.49 -12.19 -12.72
N VAL B 52 -3.70 -11.26 -13.65
CA VAL B 52 -4.72 -11.43 -14.69
C VAL B 52 -4.17 -12.25 -15.84
N ARG B 53 -2.94 -11.95 -16.24
CA ARG B 53 -2.33 -12.63 -17.38
C ARG B 53 -1.36 -13.72 -16.98
N GLY B 54 -1.01 -13.82 -15.70
CA GLY B 54 -0.06 -14.84 -15.28
C GLY B 54 1.32 -14.60 -15.83
N SER B 55 1.83 -13.39 -15.65
CA SER B 55 3.07 -13.00 -16.30
C SER B 55 3.79 -12.03 -15.41
N PRO B 56 5.09 -11.83 -15.62
CA PRO B 56 5.74 -10.65 -15.07
C PRO B 56 5.02 -9.40 -15.58
N ALA B 57 5.00 -8.38 -14.74
CA ALA B 57 4.46 -7.08 -15.12
C ALA B 57 5.61 -6.24 -15.64
N ILE B 58 5.67 -6.05 -16.95
CA ILE B 58 6.80 -5.43 -17.63
C ILE B 58 6.55 -3.94 -17.80
N ASN B 59 7.62 -3.15 -17.74
CA ASN B 59 7.56 -1.71 -17.99
C ASN B 59 6.70 -0.98 -16.96
N VAL B 60 6.70 -1.48 -15.74
CA VAL B 60 5.99 -0.82 -14.64
C VAL B 60 6.96 0.18 -14.00
N ALA B 61 6.56 1.45 -13.99
CA ALA B 61 7.37 2.50 -13.38
C ALA B 61 7.16 2.53 -11.88
N MET B 62 8.22 2.88 -11.16
CA MET B 62 8.10 3.10 -9.74
C MET B 62 9.15 4.11 -9.29
N HIS B 63 8.82 4.81 -8.20
CA HIS B 63 9.74 5.70 -7.50
C HIS B 63 9.91 5.23 -6.07
N VAL B 64 11.14 5.33 -5.58
CA VAL B 64 11.47 5.10 -4.19
C VAL B 64 11.78 6.45 -3.54
N PHE B 65 11.22 6.67 -2.36
CA PHE B 65 11.43 7.87 -1.59
C PHE B 65 11.98 7.51 -0.23
N ARG B 66 12.72 8.43 0.37
CA ARG B 66 13.19 8.28 1.74
C ARG B 66 12.59 9.40 2.57
N LYS B 67 12.08 9.06 3.75
CA LYS B 67 11.45 10.04 4.60
C LYS B 67 12.50 10.96 5.20
N ALA B 68 12.27 12.27 5.06
CA ALA B 68 13.19 13.27 5.58
C ALA B 68 12.82 13.66 7.01
N ALA B 69 13.69 14.46 7.63
CA ALA B 69 13.50 14.84 9.03
C ALA B 69 12.24 15.66 9.24
N ASP B 70 11.79 16.38 8.21
CA ASP B 70 10.56 17.16 8.30
C ASP B 70 9.33 16.38 7.89
N ASP B 71 9.43 15.05 7.79
CA ASP B 71 8.35 14.13 7.44
C ASP B 71 7.92 14.21 5.98
N THR B 72 8.68 14.90 5.13
CA THR B 72 8.41 14.89 3.70
C THR B 72 9.13 13.71 3.05
N TRP B 73 8.71 13.38 1.84
CA TRP B 73 9.26 12.26 1.08
C TRP B 73 10.25 12.78 0.05
N GLU B 74 11.52 12.42 0.22
CA GLU B 74 12.35 12.94 -0.85
C GLU B 74 12.73 11.83 -1.83
N PRO B 75 12.78 12.16 -3.12
CA PRO B 75 13.15 11.15 -4.12
C PRO B 75 14.49 10.53 -3.80
N PHE B 76 14.57 9.22 -3.99
CA PHE B 76 15.73 8.40 -3.68
C PHE B 76 16.22 7.59 -4.87
N ALA B 77 15.33 6.98 -5.64
CA ALA B 77 15.68 6.16 -6.80
C ALA B 77 14.39 5.88 -7.57
N SER B 78 14.54 5.45 -8.82
CA SER B 78 13.37 5.08 -9.60
C SER B 78 13.79 4.25 -10.81
N GLY B 79 12.81 3.64 -11.47
CA GLY B 79 13.08 2.88 -12.66
C GLY B 79 11.82 2.21 -13.14
N LYS B 80 11.98 1.32 -14.12
CA LYS B 80 10.88 0.54 -14.67
C LYS B 80 11.24 -0.94 -14.68
N THR B 81 10.26 -1.80 -14.45
CA THR B 81 10.55 -3.23 -14.45
C THR B 81 10.96 -3.72 -15.83
N SER B 82 11.81 -4.73 -15.83
CA SER B 82 12.35 -5.37 -17.02
C SER B 82 11.33 -6.38 -17.57
N GLU B 83 11.74 -7.09 -18.62
CA GLU B 83 10.89 -8.13 -19.18
C GLU B 83 10.65 -9.28 -18.20
N SER B 84 11.46 -9.39 -17.16
CA SER B 84 11.24 -10.38 -16.11
C SER B 84 10.39 -9.81 -14.97
N GLY B 85 9.90 -8.58 -15.10
CA GLY B 85 9.14 -7.96 -14.03
C GLY B 85 9.96 -7.45 -12.88
N GLU B 86 11.28 -7.39 -13.03
CA GLU B 86 12.17 -7.04 -11.93
C GLU B 86 12.83 -5.70 -12.19
N LEU B 87 13.09 -4.98 -11.11
CA LEU B 87 13.86 -3.74 -11.17
C LEU B 87 15.04 -3.88 -10.23
N HIS B 88 16.23 -3.95 -10.81
CA HIS B 88 17.49 -4.12 -10.11
C HIS B 88 18.27 -2.81 -10.13
N GLY B 89 19.25 -2.72 -9.24
CA GLY B 89 20.18 -1.61 -9.28
C GLY B 89 19.67 -0.29 -8.76
N LEU B 90 18.60 -0.30 -7.97
CA LEU B 90 18.04 0.95 -7.48
C LEU B 90 19.01 1.71 -6.58
N THR B 91 19.82 1.01 -5.79
CA THR B 91 20.66 1.67 -4.80
C THR B 91 21.89 0.80 -4.54
N THR B 92 22.72 1.26 -3.61
CA THR B 92 23.93 0.55 -3.21
C THR B 92 23.92 0.38 -1.70
N GLU B 93 24.78 -0.52 -1.22
CA GLU B 93 24.87 -0.75 0.22
C GLU B 93 25.18 0.54 0.96
N GLU B 94 26.14 1.33 0.46
CA GLU B 94 26.55 2.52 1.17
C GLU B 94 25.45 3.57 1.23
N GLU B 95 24.60 3.65 0.21
CA GLU B 95 23.57 4.68 0.16
C GLU B 95 22.33 4.27 0.94
N PHE B 96 22.07 2.97 1.05
CA PHE B 96 20.79 2.48 1.58
C PHE B 96 20.90 2.32 3.10
N VAL B 97 20.89 3.47 3.77
CA VAL B 97 21.04 3.51 5.22
C VAL B 97 19.70 3.27 5.90
N GLU B 98 19.73 3.00 7.21
CA GLU B 98 18.51 2.84 7.97
C GLU B 98 17.64 4.09 7.83
N GLY B 99 16.33 3.88 7.83
CA GLY B 99 15.39 4.95 7.62
C GLY B 99 14.10 4.38 7.10
N ILE B 100 13.13 5.27 6.88
CA ILE B 100 11.83 4.89 6.36
C ILE B 100 11.81 5.17 4.87
N TYR B 101 11.42 4.17 4.08
CA TYR B 101 11.37 4.26 2.64
C TYR B 101 9.97 3.97 2.14
N LYS B 102 9.63 4.56 1.01
CA LYS B 102 8.36 4.32 0.35
C LYS B 102 8.64 3.96 -1.10
N VAL B 103 8.09 2.82 -1.55
CA VAL B 103 8.10 2.46 -2.95
C VAL B 103 6.71 2.72 -3.49
N GLU B 104 6.61 3.62 -4.47
CA GLU B 104 5.32 3.95 -5.10
C GLU B 104 5.34 3.36 -6.50
N ILE B 105 4.53 2.34 -6.71
CA ILE B 105 4.50 1.61 -7.98
C ILE B 105 3.32 2.09 -8.80
N ASP B 106 3.57 2.53 -10.04
CA ASP B 106 2.51 3.11 -10.87
C ASP B 106 1.69 1.99 -11.52
N THR B 107 0.83 1.37 -10.70
CA THR B 107 0.00 0.28 -11.18
C THR B 107 -1.12 0.79 -12.08
N LYS B 108 -1.61 2.01 -11.83
CA LYS B 108 -2.72 2.51 -12.63
C LYS B 108 -2.32 2.62 -14.10
N SER B 109 -1.13 3.14 -14.38
CA SER B 109 -0.70 3.25 -15.77
C SER B 109 -0.54 1.89 -16.41
N TYR B 110 -0.11 0.89 -15.63
CA TYR B 110 0.03 -0.46 -16.16
C TYR B 110 -1.31 -1.01 -16.62
N TRP B 111 -2.34 -0.92 -15.76
CA TRP B 111 -3.66 -1.43 -16.12
C TRP B 111 -4.26 -0.63 -17.26
N LYS B 112 -4.08 0.70 -17.26
CA LYS B 112 -4.62 1.52 -18.33
C LYS B 112 -4.06 1.10 -19.68
N ALA B 113 -2.77 0.77 -19.73
CA ALA B 113 -2.17 0.34 -20.99
C ALA B 113 -2.80 -0.95 -21.49
N LEU B 114 -3.28 -1.80 -20.57
CA LEU B 114 -3.96 -3.03 -20.93
C LEU B 114 -5.46 -2.84 -21.15
N GLY B 115 -5.96 -1.62 -20.99
CA GLY B 115 -7.38 -1.37 -21.19
C GLY B 115 -8.27 -1.91 -20.10
N ILE B 116 -7.77 -2.01 -18.88
CA ILE B 116 -8.51 -2.57 -17.76
C ILE B 116 -8.61 -1.49 -16.69
N SER B 117 -9.83 -1.22 -16.23
CA SER B 117 -10.04 -0.16 -15.24
C SER B 117 -9.59 -0.65 -13.86
N PRO B 118 -8.62 0.01 -13.22
CA PRO B 118 -8.19 -0.44 -11.88
C PRO B 118 -8.77 0.36 -10.73
N PHE B 119 -8.61 -0.17 -9.52
CA PHE B 119 -9.05 0.53 -8.32
C PHE B 119 -8.01 1.51 -7.79
N HIS B 120 -6.77 1.07 -7.64
CA HIS B 120 -5.78 1.85 -6.94
C HIS B 120 -5.11 2.87 -7.87
N GLU B 121 -4.74 4.02 -7.29
CA GLU B 121 -3.91 4.98 -8.02
C GLU B 121 -2.49 4.45 -8.18
N HIS B 122 -1.98 3.80 -7.16
CA HIS B 122 -0.66 3.18 -7.20
C HIS B 122 -0.62 2.17 -6.07
N ALA B 123 0.41 1.35 -6.07
CA ALA B 123 0.68 0.46 -4.96
C ALA B 123 1.80 1.07 -4.15
N GLU B 124 1.60 1.14 -2.83
CA GLU B 124 2.52 1.81 -1.93
C GLU B 124 3.12 0.78 -0.99
N VAL B 125 4.44 0.81 -0.83
CA VAL B 125 5.12 -0.07 0.11
C VAL B 125 5.99 0.81 1.00
N VAL B 126 5.61 0.95 2.27
CA VAL B 126 6.32 1.82 3.20
C VAL B 126 6.91 0.95 4.31
N PHE B 127 8.22 1.08 4.54
CA PHE B 127 8.92 0.18 5.44
C PHE B 127 10.13 0.88 6.02
N THR B 128 10.59 0.40 7.18
CA THR B 128 11.86 0.84 7.77
C THR B 128 12.96 -0.15 7.39
N ALA B 129 14.04 0.36 6.83
CA ALA B 129 15.24 -0.45 6.64
C ALA B 129 15.97 -0.57 7.98
N ASN B 130 16.34 -1.79 8.35
CA ASN B 130 16.91 -2.08 9.67
C ASN B 130 18.19 -2.88 9.50
N ASP B 131 19.27 -2.39 10.09
CA ASP B 131 20.55 -3.09 10.03
C ASP B 131 20.59 -4.17 11.10
N SER B 132 20.41 -5.42 10.69
CA SER B 132 20.56 -6.58 11.56
C SER B 132 21.30 -7.62 10.73
N GLY B 133 22.63 -7.58 10.78
CA GLY B 133 23.44 -8.42 9.95
C GLY B 133 23.29 -8.09 8.48
N PRO B 134 23.96 -8.84 7.61
CA PRO B 134 23.81 -8.62 6.18
C PRO B 134 22.38 -8.91 5.74
N ARG B 135 21.82 -8.00 4.93
CA ARG B 135 20.42 -8.09 4.56
C ARG B 135 20.22 -7.62 3.13
N ARG B 136 19.44 -8.38 2.37
CA ARG B 136 18.96 -7.98 1.05
C ARG B 136 17.44 -8.01 1.09
N TYR B 137 16.81 -6.98 0.55
CA TYR B 137 15.36 -6.85 0.53
C TYR B 137 14.85 -7.10 -0.89
N THR B 138 13.95 -8.05 -1.03
CA THR B 138 13.17 -8.22 -2.25
C THR B 138 11.72 -7.89 -1.92
N ILE B 139 11.17 -6.92 -2.62
CA ILE B 139 9.77 -6.53 -2.47
C ILE B 139 9.03 -7.04 -3.69
N ALA B 140 8.03 -7.88 -3.47
CA ALA B 140 7.20 -8.39 -4.55
C ALA B 140 5.82 -7.77 -4.47
N ALA B 141 5.29 -7.37 -5.62
CA ALA B 141 3.93 -6.85 -5.72
C ALA B 141 3.18 -7.73 -6.70
N LEU B 142 2.08 -8.30 -6.26
CA LEU B 142 1.21 -9.15 -7.09
C LEU B 142 -0.04 -8.33 -7.40
N LEU B 143 -0.27 -8.04 -8.68
CA LEU B 143 -1.27 -7.06 -9.09
C LEU B 143 -2.49 -7.70 -9.72
N SER B 144 -3.66 -7.29 -9.25
CA SER B 144 -4.94 -7.46 -9.91
C SER B 144 -5.63 -6.10 -10.00
N PRO B 145 -6.63 -5.96 -10.87
CA PRO B 145 -7.23 -4.63 -11.03
C PRO B 145 -7.80 -4.04 -9.75
N TYR B 146 -8.43 -4.86 -8.90
CA TYR B 146 -9.08 -4.38 -7.68
C TYR B 146 -8.42 -4.94 -6.42
N SER B 147 -7.20 -5.45 -6.54
CA SER B 147 -6.51 -6.00 -5.38
C SER B 147 -5.03 -6.06 -5.67
N TYR B 148 -4.21 -5.83 -4.67
CA TYR B 148 -2.80 -6.17 -4.80
C TYR B 148 -2.28 -6.67 -3.46
N SER B 149 -1.23 -7.47 -3.55
CA SER B 149 -0.53 -7.92 -2.36
C SER B 149 0.93 -7.52 -2.49
N THR B 150 1.54 -7.22 -1.35
CA THR B 150 2.95 -6.92 -1.35
C THR B 150 3.62 -7.69 -0.22
N THR B 151 4.77 -8.27 -0.56
CA THR B 151 5.50 -9.14 0.33
C THR B 151 6.96 -8.73 0.33
N ALA B 152 7.61 -8.83 1.48
CA ALA B 152 9.05 -8.62 1.57
C ALA B 152 9.72 -9.93 1.93
N VAL B 153 10.73 -10.28 1.17
CA VAL B 153 11.62 -11.40 1.50
C VAL B 153 12.97 -10.79 1.83
N VAL B 154 13.39 -10.93 3.07
CA VAL B 154 14.62 -10.34 3.58
C VAL B 154 15.57 -11.47 3.89
N THR B 155 16.72 -11.49 3.22
CA THR B 155 17.64 -12.61 3.28
C THR B 155 19.05 -12.10 3.60
N ASN B 156 19.87 -13.00 4.12
CA ASN B 156 21.22 -12.66 4.54
C ASN B 156 22.22 -12.94 3.42
CA CA C . -16.03 12.51 -12.70
CAA HH9 D . -11.33 -10.88 2.46
CAB HH9 D . -10.89 -10.06 1.42
CAC HH9 D . -10.49 -11.89 2.91
CAD HH9 D . -9.64 -10.26 0.83
CAE HH9 D . -9.24 -12.10 2.34
CAF HH9 D . -8.82 -11.28 1.30
CAG HH9 D . -12.57 -10.68 3.05
CAH HH9 D . -13.36 -9.63 2.59
CAJ HH9 D . -12.88 -8.77 1.62
CAK HH9 D . -14.61 -9.41 3.12
CAL HH9 D . -15.38 -8.32 2.66
CAM HH9 D . -13.62 -7.69 1.14
CAN HH9 D . -14.88 -7.48 1.68
CAO HH9 D . -16.63 -8.10 3.21
OAI HH9 D . -11.69 -9.04 0.98
OAP HH9 D . -17.41 -7.27 2.68
OAQ HH9 D . -16.96 -8.68 4.27
OAS HH9 D . -12.96 -11.41 3.96
CL1 HH9 D . -12.96 -6.64 -0.07
CA CA E . 19.40 -0.79 14.38
CAA HH9 F . 5.61 -13.96 -5.48
CAB HH9 F . 5.50 -13.29 -4.27
CAC HH9 F . 4.45 -14.39 -6.12
CAD HH9 F . 4.25 -13.04 -3.72
CAE HH9 F . 3.21 -14.15 -5.58
CAF HH9 F . 3.09 -13.47 -4.37
CAG HH9 F . 6.85 -14.21 -6.04
CAH HH9 F . 7.98 -13.74 -5.39
CAJ HH9 F . 7.85 -13.02 -4.22
CAK HH9 F . 9.25 -13.94 -5.92
CAL HH9 F . 10.36 -13.43 -5.26
CAM HH9 F . 8.96 -12.49 -3.54
CAN HH9 F . 10.22 -12.70 -4.08
CAO HH9 F . 11.63 -13.63 -5.77
OAI HH9 F . 6.62 -12.84 -3.64
OAP HH9 F . 11.77 -14.00 -6.97
OAQ HH9 F . 12.63 -13.39 -5.07
OAS HH9 F . 6.95 -14.81 -7.11
CL1 HH9 F . 8.76 -11.55 -2.08
#